data_1VC1
#
_entry.id   1VC1
#
_cell.length_a   31.544
_cell.length_b   116.831
_cell.length_c   31.392
_cell.angle_alpha   90.00
_cell.angle_beta   119.84
_cell.angle_gamma   90.00
#
_symmetry.space_group_name_H-M   'P 1 21 1'
#
loop_
_entity.id
_entity.type
_entity.pdbx_description
1 polymer 'Putative anti-sigma factor antagonist TM1442'
2 water water
#
_entity_poly.entity_id   1
_entity_poly.type   'polypeptide(L)'
_entity_poly.pdbx_seq_one_letter_code
;MNNLKLDIVEQDDKAIVRVQGDIDAYNSSELKEQLRNFISTTSKKKIVLDLSSVSYMDSAGLGTLVVILKDAKINGKEFI
LSSLKESISRILKLTHLDKIFKITDTVEEA
;
_entity_poly.pdbx_strand_id   A,B
#
# COMPACT_ATOMS: atom_id res chain seq x y z
N MET A 1 5.69 9.82 17.78
CA MET A 1 5.19 8.45 17.46
C MET A 1 4.24 8.22 18.61
N ASN A 2 2.95 8.34 18.26
CA ASN A 2 1.85 8.27 19.22
C ASN A 2 1.14 6.94 19.44
N ASN A 3 -0.19 7.02 19.47
CA ASN A 3 -1.09 5.90 19.75
C ASN A 3 -0.89 4.61 18.98
N LEU A 4 -1.57 3.59 19.49
CA LEU A 4 -1.61 2.21 19.00
C LEU A 4 -1.61 1.27 20.19
N LYS A 5 -2.68 0.49 20.33
CA LYS A 5 -2.82 -0.47 21.41
C LYS A 5 -3.44 -1.71 20.80
N LEU A 6 -2.83 -2.88 21.05
CA LEU A 6 -3.32 -4.14 20.49
C LEU A 6 -3.92 -5.09 21.52
N ASP A 7 -5.22 -5.32 21.42
CA ASP A 7 -5.94 -6.24 22.31
C ASP A 7 -6.12 -7.54 21.54
N ILE A 8 -5.29 -8.52 21.87
CA ILE A 8 -5.29 -9.82 21.21
C ILE A 8 -6.05 -10.93 21.97
N VAL A 9 -6.91 -11.62 21.22
CA VAL A 9 -7.74 -12.71 21.75
C VAL A 9 -7.75 -13.91 20.80
N GLU A 10 -7.41 -15.08 21.32
CA GLU A 10 -7.42 -16.31 20.54
C GLU A 10 -8.56 -17.23 20.96
N GLN A 11 -9.31 -17.72 19.98
CA GLN A 11 -10.42 -18.67 20.18
C GLN A 11 -10.73 -19.33 18.84
N ASP A 12 -11.41 -20.46 18.89
CA ASP A 12 -11.74 -21.18 17.68
C ASP A 12 -10.47 -21.50 16.90
N ASP A 13 -10.45 -21.05 15.65
CA ASP A 13 -9.35 -21.27 14.73
C ASP A 13 -8.68 -19.94 14.40
N LYS A 14 -9.03 -18.92 15.17
CA LYS A 14 -8.49 -17.60 14.89
C LYS A 14 -7.91 -16.78 16.03
N ALA A 15 -6.99 -15.90 15.63
CA ALA A 15 -6.30 -14.98 16.52
C ALA A 15 -6.80 -13.57 16.18
N ILE A 16 -7.66 -13.05 17.07
CA ILE A 16 -8.28 -11.76 16.94
C ILE A 16 -7.49 -10.59 17.55
N VAL A 17 -7.04 -9.67 16.67
CA VAL A 17 -6.27 -8.50 17.06
C VAL A 17 -7.15 -7.27 17.00
N ARG A 18 -7.56 -6.77 18.16
CA ARG A 18 -8.42 -5.59 18.20
C ARG A 18 -7.42 -4.45 18.19
N VAL A 19 -7.51 -3.62 17.15
CA VAL A 19 -6.60 -2.51 17.02
C VAL A 19 -7.21 -1.23 17.53
N GLN A 20 -6.60 -0.61 18.54
CA GLN A 20 -7.15 0.66 18.99
C GLN A 20 -6.19 1.78 18.57
N GLY A 21 -6.74 2.78 17.91
CA GLY A 21 -5.94 3.91 17.45
C GLY A 21 -6.00 3.92 15.93
N ASP A 22 -5.21 4.78 15.31
CA ASP A 22 -5.23 4.81 13.88
C ASP A 22 -3.96 4.19 13.32
N ILE A 23 -4.10 3.63 12.14
CA ILE A 23 -2.97 3.01 11.52
C ILE A 23 -2.39 4.01 10.55
N ASP A 24 -1.36 4.71 10.99
CA ASP A 24 -0.77 5.74 10.17
C ASP A 24 0.77 5.77 10.28
N ALA A 25 1.42 6.79 9.74
CA ALA A 25 2.88 6.83 9.77
C ALA A 25 3.45 6.87 11.19
N TYR A 26 2.65 7.29 12.17
CA TYR A 26 3.13 7.40 13.54
C TYR A 26 3.16 6.08 14.31
N ASN A 27 2.51 5.05 13.79
CA ASN A 27 2.54 3.79 14.54
C ASN A 27 2.55 2.58 13.63
N SER A 28 2.75 2.79 12.34
CA SER A 28 2.74 1.63 11.45
C SER A 28 3.94 0.69 11.68
N SER A 29 5.08 1.23 12.11
CA SER A 29 6.22 0.37 12.37
C SER A 29 5.95 -0.50 13.57
N GLU A 30 5.33 0.07 14.59
CA GLU A 30 4.99 -0.69 15.78
C GLU A 30 4.01 -1.78 15.41
N LEU A 31 3.01 -1.43 14.61
CA LEU A 31 1.99 -2.36 14.20
C LEU A 31 2.58 -3.57 13.52
N LYS A 32 3.50 -3.30 12.62
CA LYS A 32 4.14 -4.36 11.85
C LYS A 32 4.95 -5.27 12.76
N GLU A 33 5.64 -4.65 13.71
CA GLU A 33 6.48 -5.40 14.68
C GLU A 33 5.69 -6.33 15.62
N GLN A 34 4.61 -5.84 16.19
CA GLN A 34 3.81 -6.72 17.06
C GLN A 34 3.18 -7.86 16.27
N LEU A 35 2.63 -7.54 15.10
CA LEU A 35 2.02 -8.57 14.26
C LEU A 35 3.05 -9.59 13.84
N ARG A 36 4.22 -9.10 13.42
CA ARG A 36 5.31 -9.98 13.00
C ARG A 36 5.55 -11.03 14.09
N ASN A 37 5.84 -10.55 15.29
CA ASN A 37 6.11 -11.47 16.39
C ASN A 37 4.92 -12.36 16.72
N PHE A 38 3.73 -11.78 16.74
CA PHE A 38 2.56 -12.56 17.04
C PHE A 38 2.38 -13.69 16.03
N ILE A 39 2.44 -13.34 14.75
CA ILE A 39 2.27 -14.30 13.70
C ILE A 39 3.25 -15.46 13.84
N SER A 40 4.41 -15.17 14.41
CA SER A 40 5.44 -16.21 14.55
C SER A 40 5.27 -17.07 15.78
N THR A 41 4.37 -16.69 16.68
CA THR A 41 4.14 -17.49 17.87
C THR A 41 2.83 -18.27 17.77
N THR A 42 1.72 -17.58 17.54
CA THR A 42 0.41 -18.23 17.48
C THR A 42 0.31 -19.49 16.62
N SER A 43 -0.61 -20.38 17.02
CA SER A 43 -0.88 -21.64 16.31
C SER A 43 -2.16 -21.50 15.50
N LYS A 44 -2.93 -20.44 15.73
CA LYS A 44 -4.18 -20.25 15.00
C LYS A 44 -3.89 -20.12 13.51
N LYS A 45 -4.79 -20.60 12.68
CA LYS A 45 -4.52 -20.50 11.24
C LYS A 45 -4.94 -19.16 10.64
N LYS A 46 -5.95 -18.54 11.24
CA LYS A 46 -6.46 -17.25 10.77
C LYS A 46 -6.10 -16.12 11.70
N ILE A 47 -5.67 -15.01 11.12
CA ILE A 47 -5.36 -13.80 11.89
C ILE A 47 -6.39 -12.78 11.46
N VAL A 48 -7.20 -12.34 12.41
CA VAL A 48 -8.24 -11.35 12.14
C VAL A 48 -8.01 -10.01 12.82
N LEU A 49 -7.84 -8.94 12.04
CA LEU A 49 -7.69 -7.59 12.58
C LEU A 49 -9.07 -6.96 12.70
N ASP A 50 -9.50 -6.74 13.92
CA ASP A 50 -10.77 -6.13 14.22
C ASP A 50 -10.42 -4.64 14.16
N LEU A 51 -10.90 -3.97 13.13
CA LEU A 51 -10.62 -2.56 12.93
C LEU A 51 -11.80 -1.69 13.40
N SER A 52 -12.67 -2.24 14.23
CA SER A 52 -13.84 -1.46 14.63
C SER A 52 -13.56 -0.13 15.32
N SER A 53 -12.38 0.03 15.91
CA SER A 53 -12.06 1.31 16.56
C SER A 53 -11.04 2.16 15.76
N VAL A 54 -10.76 1.72 14.53
CA VAL A 54 -9.82 2.40 13.66
C VAL A 54 -10.59 3.35 12.76
N SER A 55 -10.41 4.65 12.95
CA SER A 55 -11.09 5.63 12.12
C SER A 55 -10.22 6.12 10.95
N TYR A 56 -8.90 6.14 11.13
CA TYR A 56 -8.01 6.70 10.06
C TYR A 56 -6.82 5.86 9.66
N MET A 57 -6.48 5.90 8.38
CA MET A 57 -5.30 5.25 7.85
C MET A 57 -4.73 6.20 6.81
N ASP A 58 -3.40 6.26 6.72
CA ASP A 58 -2.74 7.10 5.72
C ASP A 58 -1.96 6.15 4.79
N SER A 59 -1.14 6.69 3.90
CA SER A 59 -0.47 5.81 2.98
C SER A 59 0.52 4.86 3.67
N ALA A 60 1.24 5.34 4.68
CA ALA A 60 2.16 4.47 5.39
C ALA A 60 1.34 3.29 5.96
N GLY A 61 0.16 3.57 6.54
CA GLY A 61 -0.70 2.55 7.13
C GLY A 61 -1.20 1.50 6.16
N LEU A 62 -1.70 1.93 5.00
CA LEU A 62 -2.16 1.03 3.98
C LEU A 62 -0.99 0.17 3.49
N GLY A 63 0.14 0.80 3.27
CA GLY A 63 1.33 0.08 2.82
C GLY A 63 1.72 -0.96 3.86
N THR A 64 1.68 -0.62 5.14
CA THR A 64 2.03 -1.59 6.18
C THR A 64 1.07 -2.78 6.16
N LEU A 65 -0.23 -2.50 6.05
CA LEU A 65 -1.19 -3.59 6.00
C LEU A 65 -0.94 -4.50 4.84
N VAL A 66 -0.58 -3.92 3.70
CA VAL A 66 -0.32 -4.76 2.54
C VAL A 66 0.84 -5.70 2.81
N VAL A 67 1.90 -5.22 3.42
CA VAL A 67 3.05 -6.16 3.67
C VAL A 67 2.78 -7.15 4.82
N ILE A 68 1.92 -6.79 5.78
CA ILE A 68 1.60 -7.71 6.89
C ILE A 68 0.81 -8.87 6.33
N LEU A 69 -0.06 -8.59 5.34
CA LEU A 69 -0.84 -9.65 4.65
C LEU A 69 0.13 -10.63 3.99
N LYS A 70 1.11 -10.06 3.31
CA LYS A 70 2.15 -10.83 2.65
C LYS A 70 2.92 -11.70 3.67
N ASP A 71 3.41 -11.08 4.74
CA ASP A 71 4.19 -11.81 5.74
C ASP A 71 3.33 -12.88 6.40
N ALA A 72 2.05 -12.57 6.57
CA ALA A 72 1.15 -13.52 7.17
C ALA A 72 1.07 -14.78 6.32
N LYS A 73 0.88 -14.60 5.01
CA LYS A 73 0.76 -15.72 4.09
C LYS A 73 2.07 -16.49 4.01
N ILE A 74 3.18 -15.76 4.09
CA ILE A 74 4.50 -16.39 4.05
C ILE A 74 4.54 -17.44 5.16
N ASN A 75 3.96 -17.09 6.29
CA ASN A 75 3.90 -17.97 7.44
C ASN A 75 2.78 -18.99 7.38
N GLY A 76 2.14 -19.10 6.22
CA GLY A 76 1.06 -20.05 6.06
C GLY A 76 -0.24 -19.72 6.77
N LYS A 77 -0.46 -18.45 7.09
CA LYS A 77 -1.69 -18.06 7.77
C LYS A 77 -2.63 -17.22 6.91
N GLU A 78 -3.90 -17.20 7.30
CA GLU A 78 -4.91 -16.41 6.61
C GLU A 78 -4.99 -15.08 7.33
N PHE A 79 -5.02 -13.99 6.58
CA PHE A 79 -5.10 -12.68 7.20
C PHE A 79 -6.42 -12.03 6.78
N ILE A 80 -7.21 -11.57 7.75
CA ILE A 80 -8.53 -10.99 7.44
C ILE A 80 -8.83 -9.69 8.10
N LEU A 81 -9.40 -8.75 7.35
CA LEU A 81 -9.75 -7.47 7.96
C LEU A 81 -11.24 -7.54 8.28
N SER A 82 -11.62 -7.23 9.52
CA SER A 82 -13.02 -7.29 9.95
C SER A 82 -13.51 -6.06 10.68
N SER A 83 -14.85 -5.92 10.75
CA SER A 83 -15.58 -4.82 11.41
C SER A 83 -15.04 -3.41 11.11
N LEU A 84 -14.91 -3.10 9.83
CA LEU A 84 -14.41 -1.79 9.38
C LEU A 84 -15.44 -0.67 9.58
N LYS A 85 -14.95 0.54 9.86
CA LYS A 85 -15.83 1.69 10.02
C LYS A 85 -15.98 2.14 8.59
N GLU A 86 -16.95 3.01 8.30
CA GLU A 86 -17.14 3.39 6.91
C GLU A 86 -16.01 4.21 6.32
N SER A 87 -15.31 4.96 7.16
CA SER A 87 -14.19 5.74 6.64
C SER A 87 -13.16 4.79 6.05
N ILE A 88 -12.96 3.67 6.74
CA ILE A 88 -11.95 2.72 6.28
C ILE A 88 -12.41 1.87 5.13
N SER A 89 -13.67 1.48 5.19
CA SER A 89 -14.26 0.72 4.14
C SER A 89 -14.12 1.60 2.91
N ARG A 90 -14.39 2.90 3.08
CA ARG A 90 -14.30 3.89 2.00
C ARG A 90 -12.90 3.91 1.35
N ILE A 91 -11.88 4.10 2.18
CA ILE A 91 -10.50 4.16 1.68
C ILE A 91 -10.04 2.91 0.91
N LEU A 92 -10.37 1.72 1.42
CA LEU A 92 -9.95 0.47 0.78
C LEU A 92 -10.61 0.35 -0.60
N LYS A 93 -11.85 0.82 -0.70
CA LYS A 93 -12.59 0.80 -1.97
C LYS A 93 -11.94 1.77 -2.97
N LEU A 94 -11.77 3.04 -2.55
CA LEU A 94 -11.19 4.07 -3.44
C LEU A 94 -9.82 3.68 -3.98
N THR A 95 -9.01 3.02 -3.13
CA THR A 95 -7.67 2.62 -3.55
C THR A 95 -7.67 1.29 -4.25
N HIS A 96 -8.81 0.60 -4.22
CA HIS A 96 -8.95 -0.73 -4.81
C HIS A 96 -8.19 -1.78 -4.02
N LEU A 97 -7.86 -1.47 -2.77
CA LEU A 97 -7.14 -2.48 -1.96
C LEU A 97 -8.14 -3.58 -1.50
N ASP A 98 -9.44 -3.32 -1.72
CA ASP A 98 -10.42 -4.36 -1.40
C ASP A 98 -10.27 -5.52 -2.39
N LYS A 99 -9.48 -5.31 -3.44
CA LYS A 99 -9.20 -6.37 -4.43
C LYS A 99 -8.10 -7.28 -3.91
N ILE A 100 -7.46 -6.84 -2.83
CA ILE A 100 -6.33 -7.58 -2.23
C ILE A 100 -6.65 -8.19 -0.86
N PHE A 101 -7.31 -7.42 -0.02
CA PHE A 101 -7.67 -7.88 1.33
C PHE A 101 -8.96 -8.68 1.42
N LYS A 102 -8.95 -9.73 2.24
CA LYS A 102 -10.16 -10.48 2.52
C LYS A 102 -10.71 -9.61 3.66
N ILE A 103 -11.97 -9.22 3.55
CA ILE A 103 -12.60 -8.35 4.53
C ILE A 103 -13.96 -8.92 4.92
N THR A 104 -14.23 -9.03 6.22
CA THR A 104 -15.52 -9.57 6.62
C THR A 104 -16.24 -8.50 7.41
N ASP A 105 -17.54 -8.68 7.49
CA ASP A 105 -18.40 -7.77 8.17
C ASP A 105 -18.17 -7.82 9.66
N THR A 106 -18.06 -9.01 10.22
CA THR A 106 -17.84 -9.16 11.65
C THR A 106 -16.69 -10.11 11.90
N VAL A 107 -16.13 -10.05 13.11
CA VAL A 107 -15.04 -10.94 13.44
C VAL A 107 -15.51 -12.40 13.46
N GLU A 108 -16.71 -12.64 13.96
CA GLU A 108 -17.24 -14.00 14.01
C GLU A 108 -17.39 -14.67 12.65
N GLU A 109 -17.73 -13.88 11.63
CA GLU A 109 -17.91 -14.38 10.26
C GLU A 109 -16.60 -14.82 9.63
N ALA A 110 -15.49 -14.33 10.15
CA ALA A 110 -14.19 -14.66 9.59
C ALA A 110 -13.79 -16.10 9.90
N MET B 1 16.18 12.34 5.25
CA MET B 1 15.24 12.38 4.10
C MET B 1 16.19 12.66 2.96
N ASN B 2 16.52 11.60 2.22
CA ASN B 2 17.52 11.64 1.16
C ASN B 2 17.09 11.74 -0.31
N ASN B 3 17.60 10.80 -1.12
CA ASN B 3 17.38 10.76 -2.57
C ASN B 3 15.96 10.79 -3.07
N LEU B 4 15.85 11.02 -4.37
CA LEU B 4 14.61 11.12 -5.15
C LEU B 4 14.76 12.24 -6.16
N LYS B 5 15.10 11.87 -7.39
CA LYS B 5 15.30 12.83 -8.48
C LYS B 5 14.26 12.49 -9.56
N LEU B 6 13.45 13.48 -9.96
CA LEU B 6 12.43 13.24 -11.00
C LEU B 6 12.74 13.88 -12.37
N ASP B 7 12.82 13.04 -13.39
CA ASP B 7 13.11 13.50 -14.75
C ASP B 7 11.83 13.35 -15.58
N ILE B 8 11.10 14.44 -15.76
CA ILE B 8 9.84 14.43 -16.49
C ILE B 8 9.89 14.83 -17.98
N VAL B 9 9.39 13.94 -18.82
CA VAL B 9 9.34 14.17 -20.27
C VAL B 9 7.92 13.94 -20.82
N GLU B 10 7.34 14.94 -21.45
CA GLU B 10 6.00 14.81 -22.00
C GLU B 10 6.04 14.76 -23.51
N GLN B 11 5.43 13.72 -24.06
CA GLN B 11 5.31 13.50 -25.50
C GLN B 11 4.08 12.64 -25.78
N ASP B 12 3.60 12.67 -27.02
CA ASP B 12 2.42 11.89 -27.39
C ASP B 12 1.27 12.26 -26.47
N ASP B 13 0.72 11.24 -25.82
CA ASP B 13 -0.38 11.40 -24.89
C ASP B 13 0.13 11.10 -23.48
N LYS B 14 1.45 10.94 -23.36
CA LYS B 14 2.12 10.61 -22.12
C LYS B 14 2.99 11.63 -21.43
N ALA B 15 2.95 11.57 -20.11
CA ALA B 15 3.73 12.39 -19.22
C ALA B 15 4.62 11.33 -18.56
N ILE B 16 5.86 11.25 -19.02
CA ILE B 16 6.80 10.29 -18.52
C ILE B 16 7.64 10.83 -17.36
N VAL B 17 7.49 10.21 -16.20
CA VAL B 17 8.23 10.56 -15.00
C VAL B 17 9.31 9.52 -14.71
N ARG B 18 10.55 9.86 -15.01
CA ARG B 18 11.67 8.97 -14.76
C ARG B 18 12.04 9.18 -13.30
N VAL B 19 11.93 8.11 -12.52
CA VAL B 19 12.22 8.21 -11.10
C VAL B 19 13.60 7.70 -10.75
N GLN B 20 14.47 8.56 -10.23
CA GLN B 20 15.79 8.09 -9.83
C GLN B 20 15.82 7.99 -8.31
N GLY B 21 16.27 6.86 -7.82
CA GLY B 21 16.33 6.63 -6.40
C GLY B 21 15.33 5.56 -6.07
N ASP B 22 15.22 5.24 -4.80
CA ASP B 22 14.27 4.24 -4.39
C ASP B 22 13.07 4.99 -3.88
N ILE B 23 11.97 4.28 -3.72
CA ILE B 23 10.76 4.94 -3.24
C ILE B 23 10.51 4.32 -1.90
N ASP B 24 10.88 5.04 -0.86
CA ASP B 24 10.73 4.50 0.47
C ASP B 24 10.34 5.54 1.48
N ALA B 25 10.41 5.21 2.76
CA ALA B 25 9.99 6.18 3.76
C ALA B 25 10.75 7.49 3.72
N TYR B 26 11.99 7.48 3.21
CA TYR B 26 12.77 8.72 3.20
C TYR B 26 12.40 9.70 2.10
N ASN B 27 11.74 9.24 1.05
CA ASN B 27 11.37 10.20 0.01
C ASN B 27 9.96 10.01 -0.52
N SER B 28 9.17 9.16 0.15
CA SER B 28 7.82 8.94 -0.35
C SER B 28 6.94 10.21 -0.25
N SER B 29 7.09 11.00 0.79
CA SER B 29 6.29 12.22 0.89
C SER B 29 6.66 13.22 -0.20
N GLU B 30 7.93 13.26 -0.55
CA GLU B 30 8.40 14.13 -1.61
C GLU B 30 7.84 13.63 -2.96
N LEU B 31 7.84 12.32 -3.14
CA LEU B 31 7.35 11.75 -4.37
C LEU B 31 5.88 12.08 -4.55
N LYS B 32 5.15 11.99 -3.47
CA LYS B 32 3.72 12.24 -3.52
C LYS B 32 3.44 13.68 -3.89
N GLU B 33 4.13 14.61 -3.26
CA GLU B 33 3.81 16.01 -3.60
C GLU B 33 4.31 16.47 -4.97
N GLN B 34 5.37 15.88 -5.50
CA GLN B 34 5.79 16.29 -6.84
C GLN B 34 4.79 15.75 -7.87
N LEU B 35 4.38 14.50 -7.70
CA LEU B 35 3.41 13.89 -8.59
C LEU B 35 2.06 14.61 -8.45
N ARG B 36 1.69 14.92 -7.22
CA ARG B 36 0.44 15.65 -6.98
C ARG B 36 0.44 16.92 -7.84
N ASN B 37 1.40 17.78 -7.61
CA ASN B 37 1.48 19.01 -8.39
C ASN B 37 1.52 18.77 -9.91
N PHE B 38 2.38 17.86 -10.34
CA PHE B 38 2.47 17.59 -11.77
C PHE B 38 1.13 17.17 -12.39
N ILE B 39 0.44 16.25 -11.72
CA ILE B 39 -0.84 15.76 -12.22
C ILE B 39 -1.85 16.88 -12.41
N SER B 40 -1.82 17.84 -11.51
CA SER B 40 -2.76 18.95 -11.55
C SER B 40 -2.49 19.96 -12.65
N THR B 41 -1.26 19.98 -13.17
CA THR B 41 -0.90 20.94 -14.21
C THR B 41 -0.34 20.33 -15.49
N THR B 42 -0.88 19.19 -15.93
CA THR B 42 -0.43 18.60 -17.17
C THR B 42 -1.68 18.32 -17.98
N SER B 43 -1.53 18.37 -19.30
CA SER B 43 -2.64 18.15 -20.22
C SER B 43 -2.70 16.70 -20.66
N LYS B 44 -1.58 15.99 -20.49
CA LYS B 44 -1.48 14.58 -20.90
C LYS B 44 -2.46 13.70 -20.16
N LYS B 45 -2.97 12.69 -20.83
CA LYS B 45 -3.93 11.84 -20.17
C LYS B 45 -3.32 10.67 -19.42
N LYS B 46 -2.13 10.24 -19.85
CA LYS B 46 -1.45 9.15 -19.19
C LYS B 46 -0.24 9.65 -18.41
N ILE B 47 -0.08 9.14 -17.18
CA ILE B 47 1.07 9.46 -16.35
C ILE B 47 1.80 8.13 -16.19
N VAL B 48 2.98 8.06 -16.78
CA VAL B 48 3.80 6.88 -16.75
C VAL B 48 5.04 7.07 -15.88
N LEU B 49 5.14 6.28 -14.80
CA LEU B 49 6.31 6.30 -13.92
C LEU B 49 7.28 5.27 -14.47
N ASP B 50 8.43 5.74 -14.93
CA ASP B 50 9.47 4.88 -15.48
C ASP B 50 10.32 4.57 -14.26
N LEU B 51 10.24 3.33 -13.81
CA LEU B 51 10.93 2.87 -12.62
C LEU B 51 12.23 2.15 -12.95
N SER B 52 12.72 2.33 -14.18
CA SER B 52 13.91 1.60 -14.60
C SER B 52 15.12 1.75 -13.70
N SER B 53 15.15 2.80 -12.89
CA SER B 53 16.29 2.99 -11.97
C SER B 53 15.94 2.75 -10.49
N VAL B 54 14.72 2.32 -10.23
CA VAL B 54 14.29 2.06 -8.86
C VAL B 54 14.60 0.63 -8.52
N SER B 55 15.43 0.43 -7.49
CA SER B 55 15.80 -0.93 -7.09
C SER B 55 15.06 -1.34 -5.84
N TYR B 56 14.63 -0.38 -5.01
CA TYR B 56 13.98 -0.74 -3.75
C TYR B 56 12.74 0.07 -3.42
N MET B 57 11.79 -0.59 -2.74
CA MET B 57 10.60 0.07 -2.22
C MET B 57 10.28 -0.61 -0.90
N ASP B 58 9.79 0.15 0.06
CA ASP B 58 9.41 -0.41 1.36
C ASP B 58 7.91 -0.19 1.48
N SER B 59 7.35 -0.46 2.64
CA SER B 59 5.90 -0.31 2.77
C SER B 59 5.42 1.11 2.59
N ALA B 60 6.18 2.07 3.09
CA ALA B 60 5.78 3.47 2.92
C ALA B 60 5.70 3.77 1.41
N GLY B 61 6.67 3.29 0.65
CA GLY B 61 6.73 3.51 -0.80
C GLY B 61 5.58 2.88 -1.54
N LEU B 62 5.23 1.64 -1.20
CA LEU B 62 4.11 0.94 -1.82
C LEU B 62 2.80 1.68 -1.53
N GLY B 63 2.64 2.12 -0.28
CA GLY B 63 1.43 2.84 0.14
C GLY B 63 1.30 4.15 -0.62
N THR B 64 2.42 4.88 -0.78
CA THR B 64 2.41 6.13 -1.56
C THR B 64 2.00 5.90 -3.01
N LEU B 65 2.52 4.85 -3.63
CA LEU B 65 2.15 4.60 -5.02
C LEU B 65 0.68 4.26 -5.15
N VAL B 66 0.15 3.50 -4.18
CA VAL B 66 -1.27 3.13 -4.19
C VAL B 66 -2.13 4.40 -4.12
N VAL B 67 -1.81 5.32 -3.23
CA VAL B 67 -2.64 6.54 -3.16
C VAL B 67 -2.42 7.48 -4.35
N ILE B 68 -1.22 7.49 -4.93
CA ILE B 68 -0.96 8.35 -6.07
C ILE B 68 -1.77 7.84 -7.23
N LEU B 69 -1.90 6.52 -7.34
CA LEU B 69 -2.72 5.94 -8.39
C LEU B 69 -4.16 6.47 -8.26
N LYS B 70 -4.65 6.50 -7.04
CA LYS B 70 -6.00 7.01 -6.78
C LYS B 70 -6.13 8.50 -7.09
N ASP B 71 -5.13 9.27 -6.68
CA ASP B 71 -5.19 10.71 -6.93
C ASP B 71 -5.19 11.01 -8.43
N ALA B 72 -4.52 10.15 -9.20
CA ALA B 72 -4.43 10.36 -10.64
C ALA B 72 -5.78 10.13 -11.30
N LYS B 73 -6.42 9.05 -10.91
CA LYS B 73 -7.71 8.69 -11.44
C LYS B 73 -8.74 9.73 -11.05
N ILE B 74 -8.61 10.28 -9.84
CA ILE B 74 -9.54 11.31 -9.37
C ILE B 74 -9.43 12.49 -10.33
N ASN B 75 -8.21 12.74 -10.79
CA ASN B 75 -7.92 13.82 -11.70
C ASN B 75 -8.24 13.47 -13.14
N GLY B 76 -8.83 12.30 -13.37
CA GLY B 76 -9.17 11.91 -14.72
C GLY B 76 -8.03 11.42 -15.59
N LYS B 77 -6.95 10.99 -14.95
CA LYS B 77 -5.81 10.50 -15.71
C LYS B 77 -5.55 9.01 -15.48
N GLU B 78 -4.82 8.42 -16.42
CA GLU B 78 -4.47 7.02 -16.33
C GLU B 78 -3.06 6.96 -15.73
N PHE B 79 -2.85 6.04 -14.81
CA PHE B 79 -1.55 5.94 -14.17
C PHE B 79 -0.93 4.59 -14.51
N ILE B 80 0.31 4.58 -14.99
CA ILE B 80 0.96 3.34 -15.40
C ILE B 80 2.39 3.21 -14.90
N LEU B 81 2.77 2.01 -14.46
CA LEU B 81 4.15 1.82 -14.02
C LEU B 81 4.81 1.06 -15.16
N SER B 82 6.01 1.50 -15.57
CA SER B 82 6.75 0.91 -16.69
C SER B 82 8.23 0.64 -16.40
N SER B 83 8.80 -0.32 -17.12
CA SER B 83 10.22 -0.71 -17.00
C SER B 83 10.72 -1.02 -15.59
N LEU B 84 10.03 -1.93 -14.93
CA LEU B 84 10.40 -2.33 -13.58
C LEU B 84 11.62 -3.25 -13.63
N LYS B 85 12.43 -3.17 -12.59
CA LYS B 85 13.59 -4.03 -12.48
C LYS B 85 12.96 -5.23 -11.82
N GLU B 86 13.58 -6.41 -11.92
CA GLU B 86 13.00 -7.62 -11.33
C GLU B 86 12.71 -7.52 -9.83
N SER B 87 13.52 -6.77 -9.10
CA SER B 87 13.27 -6.67 -7.65
C SER B 87 11.91 -6.04 -7.36
N ILE B 88 11.51 -5.08 -8.18
CA ILE B 88 10.23 -4.39 -8.00
C ILE B 88 9.08 -5.16 -8.58
N SER B 89 9.33 -5.83 -9.70
CA SER B 89 8.32 -6.66 -10.31
C SER B 89 8.00 -7.69 -9.23
N ARG B 90 9.07 -8.20 -8.58
CA ARG B 90 8.96 -9.20 -7.51
C ARG B 90 8.08 -8.74 -6.34
N ILE B 91 8.44 -7.60 -5.74
CA ILE B 91 7.69 -7.02 -4.63
C ILE B 91 6.19 -6.84 -5.00
N LEU B 92 5.89 -6.34 -6.20
CA LEU B 92 4.50 -6.13 -6.59
C LEU B 92 3.70 -7.43 -6.75
N LYS B 93 4.34 -8.47 -7.28
CA LYS B 93 3.70 -9.78 -7.42
C LYS B 93 3.46 -10.39 -6.03
N LEU B 94 4.50 -10.36 -5.18
CA LEU B 94 4.36 -10.94 -3.83
C LEU B 94 3.27 -10.28 -3.03
N THR B 95 3.15 -8.95 -3.13
CA THR B 95 2.09 -8.28 -2.34
C THR B 95 0.77 -8.23 -3.09
N HIS B 96 0.75 -8.76 -4.30
CA HIS B 96 -0.44 -8.77 -5.15
C HIS B 96 -0.86 -7.39 -5.60
N LEU B 97 0.06 -6.42 -5.50
CA LEU B 97 -0.29 -5.06 -5.90
C LEU B 97 -0.38 -5.02 -7.45
N ASP B 98 0.13 -6.08 -8.08
CA ASP B 98 0.05 -6.19 -9.54
C ASP B 98 -1.42 -6.36 -9.99
N LYS B 99 -2.32 -6.57 -9.02
CA LYS B 99 -3.76 -6.69 -9.29
C LYS B 99 -4.42 -5.30 -9.30
N ILE B 100 -3.65 -4.31 -8.90
CA ILE B 100 -4.12 -2.92 -8.79
C ILE B 100 -3.45 -1.96 -9.81
N PHE B 101 -2.16 -2.14 -10.00
CA PHE B 101 -1.41 -1.29 -10.90
C PHE B 101 -1.37 -1.75 -12.33
N LYS B 102 -1.58 -0.84 -13.28
CA LYS B 102 -1.43 -1.19 -14.69
C LYS B 102 0.11 -1.09 -14.84
N ILE B 103 0.72 -2.10 -15.45
CA ILE B 103 2.17 -2.17 -15.58
C ILE B 103 2.60 -2.59 -16.98
N THR B 104 3.47 -1.80 -17.60
CA THR B 104 3.92 -2.16 -18.95
C THR B 104 5.40 -2.48 -18.90
N ASP B 105 5.84 -3.21 -19.92
CA ASP B 105 7.23 -3.61 -20.04
C ASP B 105 8.11 -2.42 -20.35
N THR B 106 7.69 -1.60 -21.31
CA THR B 106 8.48 -0.43 -21.72
C THR B 106 7.61 0.81 -21.60
N VAL B 107 8.24 1.98 -21.57
CA VAL B 107 7.49 3.23 -21.49
C VAL B 107 6.73 3.52 -22.80
N GLU B 108 7.34 3.21 -23.93
CA GLU B 108 6.73 3.40 -25.25
C GLU B 108 5.40 2.65 -25.42
N GLU B 109 5.30 1.51 -24.75
CA GLU B 109 4.10 0.67 -24.82
C GLU B 109 2.94 1.24 -24.07
N ALA B 110 3.22 1.99 -23.01
CA ALA B 110 2.13 2.56 -22.24
C ALA B 110 1.36 3.51 -23.16
#